data_6TF2
#
_entry.id   6TF2
#
_cell.length_a   57.410
_cell.length_b   59.030
_cell.length_c   190.980
_cell.angle_alpha   90.000
_cell.angle_beta   90.000
_cell.angle_gamma   90.000
#
_symmetry.space_group_name_H-M   'I 2 2 2'
#
loop_
_entity.id
_entity.type
_entity.pdbx_description
1 polymer 'Chains: A'
2 non-polymer 'MAGNESIUM ION'
3 non-polymer 'SODIUM ION'
4 non-polymer 'BROMIDE ION'
5 non-polymer "ADENOSINE-5'-TRIPHOSPHATE"
6 water water
#
_entity_poly.entity_id   1
_entity_poly.type   'polyribonucleotide'
_entity_poly.pdbx_seq_one_letter_code
;GGCUUCAACAACCCCGUAGGUUGGGCCGAAAGGCAGCGAAUCUACUGGAGCC
;
_entity_poly.pdbx_strand_id   A
#
loop_
_chem_comp.id
_chem_comp.type
_chem_comp.name
_chem_comp.formula
A RNA linking ADENOSINE-5'-MONOPHOSPHATE 'C10 H14 N5 O7 P'
ATP non-polymer ADENOSINE-5'-TRIPHOSPHATE 'C10 H16 N5 O13 P3'
BR non-polymer 'BROMIDE ION' 'Br -1'
C RNA linking CYTIDINE-5'-MONOPHOSPHATE 'C9 H14 N3 O8 P'
G RNA linking GUANOSINE-5'-MONOPHOSPHATE 'C10 H14 N5 O8 P'
MG non-polymer 'MAGNESIUM ION' 'Mg 2'
NA non-polymer 'SODIUM ION' 'Na 1'
U RNA linking URIDINE-5'-MONOPHOSPHATE 'C9 H13 N2 O9 P'
#
# COMPACT_ATOMS: atom_id res chain seq x y z
MG MG B . -1.37 0.23 -6.66
MG MG C . -4.21 -11.11 -8.09
MG MG D . -14.82 -3.68 -15.20
MG MG E . -1.00 -9.32 8.82
MG MG F . -3.43 3.28 -3.49
NA NA G . -6.54 -6.28 -11.52
BR BR H . -15.50 -8.08 4.78
BR BR I . -6.25 -12.12 9.05
PG ATP J . -1.87 6.63 -3.92
O1G ATP J . -2.79 5.47 -3.61
O2G ATP J . -2.25 7.93 -3.25
O3G ATP J . -1.48 6.75 -5.39
PB ATP J . 0.08 4.76 -3.37
O1B ATP J . -0.97 3.87 -4.00
O2B ATP J . 1.48 4.87 -3.91
O3B ATP J . -0.50 6.25 -3.19
PA ATP J . -1.20 4.23 -0.99
O1A ATP J . -2.25 3.65 -1.92
O2A ATP J . -1.37 5.54 -0.26
O3A ATP J . 0.17 4.37 -1.83
O5' ATP J . -0.72 3.13 0.04
C5' ATP J . 0.63 2.96 0.47
C4' ATP J . 0.35 1.78 1.40
O4' ATP J . 0.72 0.46 0.90
C3' ATP J . 0.86 1.85 2.85
O3' ATP J . -0.08 2.43 3.76
C2' ATP J . 1.08 0.39 3.22
O2' ATP J . -0.07 -0.21 3.84
C1' ATP J . 1.19 -0.44 1.93
N9 ATP J . 2.52 -1.03 1.63
C8 ATP J . 3.62 -0.36 1.24
N7 ATP J . 4.63 -1.24 1.03
C5 ATP J . 4.20 -2.48 1.29
C6 ATP J . 4.79 -3.84 1.25
N6 ATP J . 6.08 -4.02 0.89
N1 ATP J . 3.99 -4.87 1.57
C2 ATP J . 2.71 -4.68 1.92
N3 ATP J . 2.11 -3.47 1.97
C4 ATP J . 2.79 -2.33 1.67
H5'1 ATP J . 1.04 3.84 0.99
H5'2 ATP J . 1.32 2.71 -0.34
H4' ATP J . -0.75 1.90 1.42
H3' ATP J . 1.74 2.50 2.92
HO3' ATP J . -0.17 1.86 4.53
H2' ATP J . 1.96 0.39 3.87
HO2' ATP J . 0.00 -0.11 4.80
H1' ATP J . 0.59 -1.34 2.04
H8 ATP J . 3.69 0.71 1.11
HN61 ATP J . 6.47 -4.96 0.88
HN62 ATP J . 6.66 -3.24 0.65
H2 ATP J . 2.11 -5.54 2.19
#